data_7JY4
#
_entry.id   7JY4
#
_cell.length_a   51.479
_cell.length_b   56.747
_cell.length_c   103.568
_cell.angle_alpha   90.000
_cell.angle_beta   90.000
_cell.angle_gamma   90.000
#
_symmetry.space_group_name_H-M   'P 21 21 21'
#
loop_
_entity.id
_entity.type
_entity.pdbx_description
1 polymer 'ALK tyrosine kinase receptor'
2 non-polymer 1-{(1S,2S)-1-(2,4-difluorophenyl)-2-[2-(3-methyl-1H-pyrazol-5-yl)-4-(trifluoromethyl)phenoxy]cyclopropyl}methanamine
3 water water
#
_entity_poly.entity_id   1
_entity_poly.type   'polypeptide(L)'
_entity_poly.pdbx_seq_one_letter_code
;GAMGSTDYNPNYCFAGKTSSISDLKEVPRKNITLIRGLGHGAFGEVYEGQVSGMPNDPSPLQVAVKTLPEVCSEQDELDF
LMEALIISKFNHQNIVRCIGVSLQSLPRFILLELMAGGDLKSFLRETRPRPSQPSSLAMLDLLHVARDIACGCQYLEENH
FIHRDIAARNCLLTCPGPGRVAKIGDFGMARDIYRASYYRKGGCAMLPVKWMPPEAFMEGIFTSKTDTWSFGVLLWEIFS
LGYMPYPSKSNQEVLEFVTSGGRMDPPKNCPGPVYRIMTQCWQHQPEDRPNFAIILERIEYCTQDPDVINTALPIEYGPL
VE
;
_entity_poly.pdbx_strand_id   A
#
# COMPACT_ATOMS: atom_id res chain seq x y z
N TYR A 12 13.79 15.32 8.45
CA TYR A 12 12.60 15.08 7.65
C TYR A 12 11.58 16.20 7.83
N CYS A 13 10.94 16.59 6.74
CA CYS A 13 9.91 17.63 6.76
C CYS A 13 8.59 17.04 6.30
N PHE A 14 7.50 17.49 6.93
CA PHE A 14 6.16 17.07 6.55
C PHE A 14 5.15 17.99 7.23
N ALA A 15 4.12 18.39 6.49
CA ALA A 15 3.08 19.28 7.00
C ALA A 15 3.63 20.63 7.44
N GLY A 16 4.77 21.05 6.89
CA GLY A 16 5.34 22.33 7.25
C GLY A 16 6.20 22.34 8.49
N LYS A 17 6.61 21.17 8.98
CA LYS A 17 7.44 21.07 10.18
C LYS A 17 8.58 20.11 9.92
N THR A 18 9.66 20.27 10.68
CA THR A 18 10.85 19.43 10.59
C THR A 18 10.89 18.52 11.82
N SER A 19 10.70 17.22 11.62
CA SER A 19 10.68 16.28 12.71
C SER A 19 12.09 15.95 13.18
N SER A 20 12.18 15.30 14.34
CA SER A 20 13.46 14.98 14.95
C SER A 20 13.38 13.60 15.59
N ILE A 21 14.56 13.03 15.86
CA ILE A 21 14.61 11.71 16.47
C ILE A 21 14.03 11.73 17.88
N SER A 22 14.12 12.87 18.57
CA SER A 22 13.55 12.95 19.91
C SER A 22 12.04 13.02 19.88
N ASP A 23 11.46 13.53 18.79
CA ASP A 23 10.01 13.66 18.70
C ASP A 23 9.31 12.32 18.68
N LEU A 24 10.03 11.24 18.43
CA LEU A 24 9.47 9.90 18.55
C LEU A 24 9.34 9.53 20.03
N LYS A 25 8.44 8.61 20.31
CA LYS A 25 8.12 8.20 21.68
C LYS A 25 8.90 6.92 21.98
N GLU A 26 10.03 7.05 22.67
CA GLU A 26 10.81 5.89 23.05
C GLU A 26 10.04 5.05 24.07
N VAL A 27 9.85 3.77 23.75
CA VAL A 27 9.14 2.84 24.63
C VAL A 27 10.20 1.97 25.31
N PRO A 28 10.24 1.92 26.64
CA PRO A 28 11.26 1.10 27.31
C PRO A 28 11.22 -0.32 26.78
N ARG A 29 12.40 -0.87 26.48
CA ARG A 29 12.45 -2.22 25.95
C ARG A 29 11.77 -3.21 26.89
N LYS A 30 11.94 -3.03 28.20
CA LYS A 30 11.37 -3.97 29.16
C LYS A 30 9.86 -4.04 29.04
N ASN A 31 9.21 -3.03 28.47
CA ASN A 31 7.76 -3.02 28.33
C ASN A 31 7.27 -3.77 27.10
N ILE A 32 8.16 -4.20 26.21
CA ILE A 32 7.78 -4.79 24.94
C ILE A 32 7.95 -6.29 25.00
N THR A 33 7.01 -7.01 24.38
CA THR A 33 6.94 -8.47 24.49
C THR A 33 6.45 -9.04 23.17
N LEU A 34 7.28 -9.85 22.52
CA LEU A 34 6.93 -10.38 21.21
C LEU A 34 6.07 -11.64 21.36
N ILE A 35 5.06 -11.76 20.50
CA ILE A 35 4.03 -12.78 20.61
C ILE A 35 4.20 -13.87 19.56
N ARG A 36 4.29 -13.49 18.29
CA ARG A 36 4.43 -14.47 17.22
C ARG A 36 4.93 -13.77 15.96
N GLY A 37 5.72 -14.50 15.17
CA GLY A 37 6.21 -13.95 13.93
C GLY A 37 5.12 -13.81 12.89
N LEU A 38 5.23 -12.76 12.06
CA LEU A 38 4.21 -12.43 11.10
C LEU A 38 4.69 -12.32 9.66
N GLY A 39 5.98 -12.42 9.40
CA GLY A 39 6.49 -12.39 8.05
C GLY A 39 7.78 -11.61 7.97
N HIS A 40 8.11 -11.16 6.76
CA HIS A 40 9.31 -10.40 6.49
C HIS A 40 8.96 -9.03 5.94
N GLY A 41 9.75 -8.03 6.31
CA GLY A 41 9.69 -6.72 5.68
C GLY A 41 10.66 -6.61 4.53
N ALA A 42 10.83 -5.39 4.03
CA ALA A 42 11.81 -5.15 2.99
C ALA A 42 13.18 -5.70 3.39
N PHE A 43 13.56 -5.51 4.65
CA PHE A 43 14.83 -6.01 5.18
C PHE A 43 14.60 -6.98 6.33
N GLY A 44 14.15 -6.50 7.49
CA GLY A 44 14.06 -7.31 8.68
C GLY A 44 12.81 -8.17 8.75
N GLU A 45 12.32 -8.38 9.97
CA GLU A 45 11.17 -9.22 10.24
C GLU A 45 10.09 -8.42 10.95
N VAL A 46 8.93 -9.07 11.16
CA VAL A 46 7.78 -8.43 11.78
C VAL A 46 7.14 -9.41 12.75
N TYR A 47 6.58 -8.88 13.84
CA TYR A 47 6.00 -9.71 14.89
C TYR A 47 4.73 -9.07 15.42
N GLU A 48 3.84 -9.90 15.96
CA GLU A 48 2.81 -9.43 16.87
C GLU A 48 3.43 -9.20 18.24
N GLY A 49 2.93 -8.19 18.96
CA GLY A 49 3.56 -7.80 20.20
C GLY A 49 2.57 -7.22 21.18
N GLN A 50 3.06 -6.98 22.39
CA GLN A 50 2.28 -6.39 23.46
C GLN A 50 3.12 -5.35 24.19
N VAL A 51 2.49 -4.23 24.54
CA VAL A 51 3.10 -3.18 25.34
C VAL A 51 2.22 -2.92 26.55
N SER A 52 2.84 -2.68 27.70
CA SER A 52 2.11 -2.44 28.93
C SER A 52 2.22 -0.99 29.37
N PRO A 60 -2.90 -3.39 28.35
CA PRO A 60 -2.25 -4.32 27.43
C PRO A 60 -2.53 -3.98 25.97
N LEU A 61 -1.55 -3.36 25.31
CA LEU A 61 -1.72 -2.81 23.97
C LEU A 61 -1.20 -3.80 22.94
N GLN A 62 -2.07 -4.17 21.99
CA GLN A 62 -1.69 -5.04 20.89
C GLN A 62 -0.98 -4.23 19.81
N VAL A 63 0.22 -4.66 19.41
CA VAL A 63 1.05 -3.90 18.47
C VAL A 63 1.69 -4.84 17.46
N ALA A 64 2.26 -4.24 16.42
CA ALA A 64 3.13 -4.90 15.46
C ALA A 64 4.53 -4.32 15.58
N VAL A 65 5.55 -5.18 15.52
CA VAL A 65 6.93 -4.80 15.80
C VAL A 65 7.75 -5.09 14.56
N LYS A 66 8.24 -4.04 13.91
CA LYS A 66 9.23 -4.18 12.85
C LYS A 66 10.62 -4.09 13.47
N THR A 67 11.48 -5.03 13.12
CA THR A 67 12.81 -5.13 13.70
C THR A 67 13.88 -4.79 12.67
N LEU A 68 15.00 -4.29 13.15
CA LEU A 68 16.18 -4.02 12.33
C LEU A 68 17.24 -5.07 12.65
N PRO A 69 17.69 -5.86 11.69
CA PRO A 69 18.70 -6.88 12.01
C PRO A 69 19.93 -6.27 12.67
N GLU A 70 20.45 -6.98 13.68
CA GLU A 70 21.68 -6.54 14.33
C GLU A 70 22.82 -6.47 13.33
N VAL A 71 22.97 -7.52 12.51
CA VAL A 71 23.93 -7.52 11.42
C VAL A 71 23.36 -6.65 10.30
N CYS A 72 23.63 -5.35 10.36
CA CYS A 72 23.14 -4.42 9.36
C CYS A 72 24.17 -3.31 9.19
N SER A 73 24.08 -2.63 8.05
CA SER A 73 25.01 -1.56 7.73
C SER A 73 24.65 -0.29 8.51
N GLU A 74 25.60 0.64 8.52
CA GLU A 74 25.37 1.97 9.09
C GLU A 74 24.46 2.80 8.20
N GLN A 75 24.33 2.43 6.92
CA GLN A 75 23.33 3.02 6.05
C GLN A 75 21.95 2.45 6.35
N ASP A 76 21.87 1.17 6.71
CA ASP A 76 20.60 0.54 7.04
C ASP A 76 20.01 1.13 8.32
N GLU A 77 20.85 1.39 9.32
CA GLU A 77 20.39 2.03 10.55
C GLU A 77 19.64 3.32 10.23
N LEU A 78 20.25 4.18 9.41
CA LEU A 78 19.61 5.45 9.07
C LEU A 78 18.32 5.22 8.29
N ASP A 79 18.30 4.22 7.40
CA ASP A 79 17.06 3.86 6.72
C ASP A 79 15.96 3.58 7.73
N PHE A 80 16.26 2.72 8.71
CA PHE A 80 15.28 2.32 9.71
C PHE A 80 14.68 3.54 10.42
N LEU A 81 15.55 4.42 10.92
CA LEU A 81 15.08 5.63 11.59
C LEU A 81 14.12 6.41 10.69
N MET A 82 14.45 6.54 9.41
CA MET A 82 13.65 7.38 8.53
C MET A 82 12.22 6.86 8.41
N GLU A 83 12.05 5.54 8.29
CA GLU A 83 10.71 4.97 8.33
C GLU A 83 9.94 5.47 9.54
N ALA A 84 10.55 5.35 10.73
CA ALA A 84 9.88 5.78 11.95
C ALA A 84 9.46 7.24 11.87
N LEU A 85 10.38 8.11 11.46
CA LEU A 85 10.07 9.54 11.36
C LEU A 85 8.96 9.78 10.34
N ILE A 86 9.06 9.15 9.17
CA ILE A 86 8.06 9.36 8.13
C ILE A 86 6.68 8.96 8.64
N ILE A 87 6.53 7.71 9.09
CA ILE A 87 5.23 7.20 9.48
C ILE A 87 4.67 7.93 10.69
N SER A 88 5.54 8.54 11.51
CA SER A 88 5.07 9.18 12.73
C SER A 88 4.35 10.50 12.46
N LYS A 89 4.77 11.23 11.42
CA LYS A 89 4.17 12.53 11.15
C LYS A 89 2.85 12.43 10.40
N PHE A 90 2.50 11.25 9.89
CA PHE A 90 1.19 11.07 9.28
C PHE A 90 0.11 11.00 10.35
N ASN A 91 -1.04 11.60 10.04
CA ASN A 91 -2.23 11.56 10.92
C ASN A 91 -3.44 11.33 10.02
N HIS A 92 -3.70 10.07 9.70
CA HIS A 92 -4.82 9.73 8.83
C HIS A 92 -5.28 8.31 9.13
N GLN A 93 -6.60 8.12 9.08
CA GLN A 93 -7.20 6.83 9.43
C GLN A 93 -6.87 5.73 8.43
N ASN A 94 -6.41 6.09 7.23
CA ASN A 94 -6.06 5.13 6.20
C ASN A 94 -4.55 4.98 6.04
N ILE A 95 -3.79 5.33 7.07
CA ILE A 95 -2.35 5.11 7.13
C ILE A 95 -2.03 4.51 8.49
N VAL A 96 -1.33 3.37 8.50
CA VAL A 96 -1.05 2.69 9.75
C VAL A 96 -0.39 3.65 10.72
N ARG A 97 -0.86 3.63 11.97
CA ARG A 97 -0.33 4.51 13.00
C ARG A 97 1.01 3.97 13.51
N CYS A 98 1.89 4.89 13.86
CA CYS A 98 3.14 4.55 14.52
C CYS A 98 2.98 4.78 16.02
N ILE A 99 3.06 3.69 16.79
CA ILE A 99 2.87 3.77 18.22
C ILE A 99 4.11 4.34 18.91
N GLY A 100 5.29 3.95 18.43
CA GLY A 100 6.52 4.44 19.03
C GLY A 100 7.70 3.64 18.52
N VAL A 101 8.83 3.78 19.21
CA VAL A 101 10.05 3.07 18.88
C VAL A 101 10.68 2.55 20.16
N SER A 102 11.58 1.57 19.99
CA SER A 102 12.48 1.12 21.05
C SER A 102 13.87 1.02 20.43
N LEU A 103 14.47 2.18 20.14
CA LEU A 103 15.75 2.25 19.46
C LEU A 103 16.95 2.24 20.40
N GLN A 104 16.75 2.56 21.68
CA GLN A 104 17.87 2.60 22.61
C GLN A 104 18.42 1.21 22.91
N SER A 105 17.64 0.16 22.66
CA SER A 105 18.08 -1.21 22.83
C SER A 105 18.26 -1.88 21.47
N LEU A 106 18.93 -3.03 21.48
CA LEU A 106 19.22 -3.80 20.29
C LEU A 106 18.56 -5.16 20.37
N PRO A 107 17.93 -5.64 19.28
CA PRO A 107 17.72 -5.02 17.96
C PRO A 107 16.74 -3.85 18.00
N ARG A 108 16.91 -2.88 17.11
CA ARG A 108 16.07 -1.69 17.13
C ARG A 108 14.66 -2.05 16.67
N PHE A 109 13.66 -1.58 17.41
CA PHE A 109 12.26 -1.86 17.12
C PHE A 109 11.56 -0.62 16.59
N ILE A 110 10.56 -0.84 15.74
CA ILE A 110 9.56 0.16 15.39
C ILE A 110 8.19 -0.45 15.70
N LEU A 111 7.42 0.25 16.53
CA LEU A 111 6.12 -0.22 16.97
C LEU A 111 5.03 0.43 16.10
N LEU A 112 4.10 -0.40 15.60
CA LEU A 112 3.11 0.06 14.65
C LEU A 112 1.76 -0.55 14.94
N GLU A 113 0.72 0.14 14.48
CA GLU A 113 -0.65 -0.38 14.55
C GLU A 113 -0.70 -1.79 14.00
N LEU A 114 -1.45 -2.66 14.69
CA LEU A 114 -1.62 -4.05 14.26
C LEU A 114 -2.87 -4.17 13.40
N MET A 115 -2.73 -4.85 12.26
CA MET A 115 -3.80 -5.02 11.30
C MET A 115 -4.16 -6.51 11.27
N ALA A 116 -5.27 -6.86 11.92
CA ALA A 116 -5.64 -8.26 12.07
C ALA A 116 -6.06 -8.89 10.75
N GLY A 117 -6.46 -8.09 9.76
CA GLY A 117 -6.80 -8.63 8.46
C GLY A 117 -5.61 -9.04 7.61
N GLY A 118 -4.40 -8.70 8.04
CA GLY A 118 -3.22 -9.01 7.26
C GLY A 118 -3.14 -8.15 6.01
N ASP A 119 -2.13 -8.46 5.18
CA ASP A 119 -1.94 -7.71 3.96
C ASP A 119 -3.12 -7.92 3.01
N LEU A 120 -3.24 -7.03 2.04
CA LEU A 120 -4.38 -7.07 1.13
C LEU A 120 -4.25 -8.17 0.09
N LYS A 121 -3.07 -8.32 -0.52
CA LYS A 121 -2.91 -9.31 -1.58
C LYS A 121 -3.29 -10.70 -1.07
N SER A 122 -2.82 -11.06 0.12
CA SER A 122 -3.14 -12.38 0.67
C SER A 122 -4.64 -12.48 0.98
N PHE A 123 -5.20 -11.46 1.60
CA PHE A 123 -6.63 -11.46 1.90
C PHE A 123 -7.46 -11.71 0.65
N LEU A 124 -7.11 -11.05 -0.45
CA LEU A 124 -7.83 -11.27 -1.71
C LEU A 124 -7.68 -12.71 -2.18
N ARG A 125 -6.46 -13.25 -2.13
CA ARG A 125 -6.25 -14.62 -2.59
C ARG A 125 -6.93 -15.62 -1.66
N GLU A 126 -6.78 -15.43 -0.34
CA GLU A 126 -7.40 -16.34 0.62
C GLU A 126 -8.93 -16.30 0.55
N THR A 127 -9.50 -15.20 0.08
CA THR A 127 -10.93 -14.96 0.15
C THR A 127 -11.61 -15.10 -1.21
N ARG A 128 -10.89 -15.49 -2.25
CA ARG A 128 -11.49 -15.65 -3.55
C ARG A 128 -12.73 -16.55 -3.44
N PRO A 129 -13.86 -16.18 -4.04
CA PRO A 129 -15.04 -17.04 -3.98
C PRO A 129 -14.77 -18.35 -4.71
N ARG A 130 -14.99 -19.45 -4.01
CA ARG A 130 -14.68 -20.78 -4.51
C ARG A 130 -15.90 -21.67 -4.45
N PRO A 131 -15.96 -22.71 -5.28
CA PRO A 131 -17.13 -23.60 -5.26
C PRO A 131 -17.52 -24.07 -3.87
N SER A 132 -16.54 -24.27 -2.98
CA SER A 132 -16.85 -24.68 -1.61
C SER A 132 -17.64 -23.60 -0.88
N GLN A 133 -17.10 -22.39 -0.83
CA GLN A 133 -17.72 -21.26 -0.13
C GLN A 133 -17.68 -20.05 -1.06
N PRO A 134 -18.57 -20.01 -2.07
CA PRO A 134 -18.50 -18.91 -3.04
C PRO A 134 -18.88 -17.56 -2.43
N SER A 135 -19.94 -17.49 -1.63
CA SER A 135 -20.46 -16.20 -1.16
C SER A 135 -19.66 -15.72 0.04
N SER A 136 -18.45 -15.23 -0.25
CA SER A 136 -17.58 -14.61 0.75
C SER A 136 -17.54 -13.10 0.61
N LEU A 137 -17.01 -12.59 -0.51
CA LEU A 137 -16.91 -11.17 -0.76
C LEU A 137 -17.91 -10.74 -1.83
N ALA A 138 -18.12 -9.43 -1.92
CA ALA A 138 -18.99 -8.84 -2.91
C ALA A 138 -18.29 -7.63 -3.54
N MET A 139 -18.85 -7.17 -4.65
CA MET A 139 -18.25 -6.04 -5.36
C MET A 139 -18.20 -4.78 -4.49
N LEU A 140 -19.21 -4.58 -3.64
CA LEU A 140 -19.22 -3.40 -2.78
C LEU A 140 -18.04 -3.42 -1.81
N ASP A 141 -17.66 -4.60 -1.33
CA ASP A 141 -16.50 -4.68 -0.43
C ASP A 141 -15.23 -4.20 -1.13
N LEU A 142 -15.06 -4.57 -2.40
CA LEU A 142 -13.86 -4.19 -3.12
C LEU A 142 -13.78 -2.69 -3.31
N LEU A 143 -14.92 -2.03 -3.54
CA LEU A 143 -14.92 -0.59 -3.70
C LEU A 143 -14.48 0.10 -2.41
N HIS A 144 -14.97 -0.37 -1.26
CA HIS A 144 -14.60 0.24 0.01
C HIS A 144 -13.10 0.17 0.25
N VAL A 145 -12.49 -0.99 -0.03
CA VAL A 145 -11.04 -1.10 0.06
C VAL A 145 -10.38 -0.09 -0.88
N ALA A 146 -10.80 -0.08 -2.14
CA ALA A 146 -10.24 0.88 -3.09
C ALA A 146 -10.50 2.31 -2.64
N ARG A 147 -11.71 2.58 -2.14
CA ARG A 147 -11.99 3.91 -1.60
C ARG A 147 -11.11 4.21 -0.39
N ASP A 148 -10.89 3.23 0.48
CA ASP A 148 -10.00 3.43 1.63
C ASP A 148 -8.62 3.86 1.18
N ILE A 149 -8.02 3.13 0.23
CA ILE A 149 -6.66 3.44 -0.20
C ILE A 149 -6.63 4.77 -0.95
N ALA A 150 -7.66 5.04 -1.76
CA ALA A 150 -7.73 6.33 -2.44
C ALA A 150 -7.76 7.47 -1.43
N CYS A 151 -8.44 7.28 -0.30
CA CYS A 151 -8.46 8.31 0.73
C CYS A 151 -7.07 8.60 1.26
N GLY A 152 -6.32 7.54 1.59
CA GLY A 152 -4.97 7.74 2.09
C GLY A 152 -4.07 8.41 1.06
N CYS A 153 -4.13 7.95 -0.18
CA CYS A 153 -3.32 8.55 -1.23
C CYS A 153 -3.64 10.02 -1.40
N GLN A 154 -4.92 10.39 -1.33
CA GLN A 154 -5.28 11.81 -1.41
C GLN A 154 -4.65 12.60 -0.27
N TYR A 155 -4.70 12.05 0.94
CA TYR A 155 -4.07 12.70 2.08
C TYR A 155 -2.57 12.89 1.83
N LEU A 156 -1.92 11.89 1.25
CA LEU A 156 -0.50 12.03 0.90
C LEU A 156 -0.31 13.10 -0.17
N GLU A 157 -1.08 13.02 -1.25
CA GLU A 157 -1.00 14.04 -2.29
C GLU A 157 -1.22 15.43 -1.73
N GLU A 158 -2.26 15.59 -0.91
CA GLU A 158 -2.53 16.89 -0.31
C GLU A 158 -1.35 17.39 0.51
N ASN A 159 -0.60 16.49 1.13
CA ASN A 159 0.58 16.85 1.91
C ASN A 159 1.87 16.69 1.10
N HIS A 160 1.76 16.55 -0.22
CA HIS A 160 2.92 16.59 -1.12
C HIS A 160 3.89 15.46 -0.84
N PHE A 161 3.40 14.35 -0.29
CA PHE A 161 4.18 13.14 -0.11
C PHE A 161 3.91 12.20 -1.27
N ILE A 162 4.98 11.66 -1.85
CA ILE A 162 4.90 10.72 -2.97
C ILE A 162 5.27 9.35 -2.44
N HIS A 163 4.30 8.46 -2.34
CA HIS A 163 4.56 7.11 -1.83
C HIS A 163 5.47 6.35 -2.79
N ARG A 164 5.11 6.29 -4.06
CA ARG A 164 5.93 5.73 -5.13
C ARG A 164 6.02 4.20 -5.07
N ASP A 165 5.14 3.55 -4.32
CA ASP A 165 5.11 2.08 -4.30
C ASP A 165 3.72 1.59 -3.90
N ILE A 166 2.69 2.26 -4.39
CA ILE A 166 1.31 1.86 -4.14
C ILE A 166 1.05 0.49 -4.75
N ALA A 167 0.85 -0.52 -3.90
CA ALA A 167 0.59 -1.87 -4.38
C ALA A 167 -0.14 -2.64 -3.28
N ALA A 168 -0.82 -3.71 -3.70
CA ALA A 168 -1.63 -4.49 -2.77
C ALA A 168 -0.78 -5.07 -1.65
N ARG A 169 0.45 -5.47 -1.96
CA ARG A 169 1.32 -6.07 -0.96
C ARG A 169 1.64 -5.11 0.18
N ASN A 170 1.55 -3.80 -0.07
CA ASN A 170 1.86 -2.79 0.94
C ASN A 170 0.61 -2.24 1.63
N CYS A 171 -0.54 -2.89 1.45
CA CYS A 171 -1.77 -2.50 2.10
C CYS A 171 -2.18 -3.55 3.12
N LEU A 172 -2.80 -3.09 4.20
CA LEU A 172 -3.21 -3.96 5.31
C LEU A 172 -4.68 -3.71 5.63
N LEU A 173 -5.28 -4.66 6.33
CA LEU A 173 -6.69 -4.60 6.71
C LEU A 173 -6.82 -4.77 8.22
N THR A 174 -7.71 -3.97 8.82
CA THR A 174 -7.89 -4.02 10.27
C THR A 174 -8.43 -5.37 10.72
N CYS A 175 -9.42 -5.90 9.99
CA CYS A 175 -10.02 -7.18 10.32
C CYS A 175 -10.48 -7.83 9.02
N PRO A 176 -10.59 -9.16 9.00
CA PRO A 176 -10.97 -9.84 7.75
C PRO A 176 -12.46 -9.77 7.44
N GLY A 177 -13.29 -9.64 8.48
CA GLY A 177 -14.72 -9.67 8.29
C GLY A 177 -15.28 -8.33 7.88
N PRO A 178 -16.60 -8.28 7.72
CA PRO A 178 -17.26 -7.00 7.40
C PRO A 178 -16.81 -5.91 8.35
N GLY A 179 -16.87 -4.66 7.87
CA GLY A 179 -16.38 -3.53 8.64
C GLY A 179 -14.88 -3.34 8.57
N ARG A 180 -14.18 -4.09 7.74
CA ARG A 180 -12.74 -3.92 7.58
C ARG A 180 -12.43 -2.54 7.03
N VAL A 181 -11.29 -2.00 7.44
CA VAL A 181 -10.73 -0.78 6.87
C VAL A 181 -9.36 -1.10 6.32
N ALA A 182 -9.07 -0.59 5.12
CA ALA A 182 -7.77 -0.77 4.48
C ALA A 182 -6.92 0.49 4.70
N LYS A 183 -5.62 0.27 4.85
CA LYS A 183 -4.69 1.36 5.09
C LYS A 183 -3.35 1.05 4.44
N ILE A 184 -2.62 2.11 4.13
CA ILE A 184 -1.27 1.97 3.57
C ILE A 184 -0.31 1.62 4.72
N GLY A 185 0.42 0.52 4.56
CA GLY A 185 1.14 -0.07 5.67
C GLY A 185 2.65 -0.03 5.60
N ASP A 186 3.21 0.35 4.44
CA ASP A 186 4.65 0.29 4.26
C ASP A 186 5.13 1.49 3.44
N PHE A 187 6.26 2.05 3.86
CA PHE A 187 6.83 3.23 3.22
C PHE A 187 8.32 3.03 2.94
N GLY A 188 8.74 1.78 2.72
CA GLY A 188 10.14 1.51 2.47
C GLY A 188 10.66 2.16 1.20
N MET A 189 9.79 2.39 0.23
CA MET A 189 10.21 2.97 -1.05
C MET A 189 10.43 4.47 -0.93
N ALA A 190 9.44 5.19 -0.41
CA ALA A 190 9.58 6.64 -0.25
C ALA A 190 10.79 6.98 0.61
N ARG A 191 11.13 6.12 1.57
CA ARG A 191 12.31 6.36 2.40
C ARG A 191 13.61 6.07 1.65
N ASP A 192 13.65 4.98 0.88
CA ASP A 192 14.86 4.63 0.16
C ASP A 192 15.27 5.74 -0.82
N ILE A 193 14.28 6.37 -1.46
CA ILE A 193 14.57 7.40 -2.46
C ILE A 193 14.81 8.77 -1.85
N TYR A 194 14.52 8.95 -0.56
CA TYR A 194 14.69 10.23 0.10
C TYR A 194 15.77 10.16 1.16
N GLY A 202 17.75 -0.42 -4.62
CA GLY A 202 18.94 -1.24 -4.67
C GLY A 202 19.41 -1.54 -6.09
N GLY A 203 18.46 -1.79 -6.98
CA GLY A 203 18.80 -2.11 -8.34
C GLY A 203 17.57 -2.13 -9.24
N CYS A 204 17.79 -2.58 -10.48
CA CYS A 204 16.73 -2.58 -11.48
C CYS A 204 15.82 -3.79 -11.34
N ALA A 205 16.39 -5.00 -11.20
CA ALA A 205 15.58 -6.19 -11.03
C ALA A 205 14.67 -6.11 -9.80
N MET A 206 14.93 -5.16 -8.89
CA MET A 206 14.10 -4.95 -7.72
C MET A 206 13.06 -3.84 -7.91
N LEU A 207 13.13 -3.10 -9.00
CA LEU A 207 12.18 -2.01 -9.21
C LEU A 207 10.78 -2.57 -9.45
N PRO A 208 9.75 -2.01 -8.81
CA PRO A 208 8.38 -2.46 -9.11
C PRO A 208 7.92 -1.98 -10.48
N VAL A 209 8.55 -2.51 -11.53
CA VAL A 209 8.30 -2.00 -12.88
C VAL A 209 6.82 -2.12 -13.24
N LYS A 210 6.18 -3.21 -12.81
CA LYS A 210 4.79 -3.46 -13.20
C LYS A 210 3.81 -2.46 -12.59
N TRP A 211 4.26 -1.60 -11.68
CA TRP A 211 3.41 -0.62 -11.03
C TRP A 211 3.73 0.82 -11.40
N MET A 212 4.66 1.04 -12.35
CA MET A 212 5.18 2.38 -12.59
C MET A 212 4.79 2.91 -13.97
N PRO A 213 4.64 4.23 -14.11
CA PRO A 213 4.33 4.81 -15.42
C PRO A 213 5.56 4.91 -16.29
N PRO A 214 5.40 5.25 -17.57
CA PRO A 214 6.58 5.34 -18.44
C PRO A 214 7.65 6.28 -17.93
N GLU A 215 7.28 7.49 -17.54
CA GLU A 215 8.29 8.49 -17.15
C GLU A 215 9.03 8.08 -15.89
N ALA A 216 8.49 7.15 -15.10
CA ALA A 216 9.18 6.71 -13.90
C ALA A 216 10.32 5.74 -14.24
N PHE A 217 10.01 4.66 -14.96
CA PHE A 217 11.04 3.68 -15.27
C PHE A 217 11.86 4.06 -16.51
N MET A 218 11.47 5.09 -17.25
CA MET A 218 12.27 5.59 -18.36
C MET A 218 13.21 6.71 -17.90
N GLU A 219 12.68 7.66 -17.12
CA GLU A 219 13.42 8.86 -16.74
C GLU A 219 13.69 8.97 -15.25
N GLY A 220 12.97 8.24 -14.41
CA GLY A 220 13.11 8.38 -12.98
C GLY A 220 12.35 9.55 -12.38
N ILE A 221 11.32 10.02 -13.06
CA ILE A 221 10.50 11.14 -12.58
C ILE A 221 9.37 10.59 -11.72
N PHE A 222 9.12 11.24 -10.58
CA PHE A 222 8.05 10.84 -9.68
C PHE A 222 7.29 12.07 -9.21
N THR A 223 5.97 12.01 -9.33
CA THR A 223 5.07 13.06 -8.86
C THR A 223 3.87 12.39 -8.21
N SER A 224 2.85 13.20 -7.87
CA SER A 224 1.59 12.62 -7.43
C SER A 224 0.90 11.86 -8.55
N LYS A 225 1.18 12.20 -9.80
CA LYS A 225 0.65 11.43 -10.92
C LYS A 225 1.37 10.11 -11.10
N THR A 226 2.53 9.93 -10.47
CA THR A 226 3.12 8.61 -10.38
C THR A 226 2.26 7.69 -9.52
N ASP A 227 1.84 8.18 -8.35
CA ASP A 227 0.99 7.38 -7.48
C ASP A 227 -0.38 7.14 -8.11
N THR A 228 -0.85 8.07 -8.95
CA THR A 228 -2.12 7.87 -9.63
C THR A 228 -2.06 6.65 -10.54
N TRP A 229 -0.94 6.48 -11.26
CA TRP A 229 -0.78 5.31 -12.12
C TRP A 229 -0.71 4.03 -11.28
N SER A 230 0.09 4.05 -10.22
CA SER A 230 0.22 2.86 -9.37
C SER A 230 -1.12 2.45 -8.77
N PHE A 231 -1.95 3.43 -8.41
CA PHE A 231 -3.26 3.11 -7.84
C PHE A 231 -4.15 2.40 -8.86
N GLY A 232 -4.04 2.76 -10.14
CA GLY A 232 -4.76 2.03 -11.16
C GLY A 232 -4.37 0.56 -11.19
N VAL A 233 -3.07 0.27 -11.12
CA VAL A 233 -2.63 -1.11 -11.04
C VAL A 233 -3.20 -1.76 -9.78
N LEU A 234 -3.12 -1.06 -8.65
CA LEU A 234 -3.73 -1.57 -7.43
C LEU A 234 -5.20 -1.88 -7.65
N LEU A 235 -5.92 -0.95 -8.28
CA LEU A 235 -7.31 -1.18 -8.61
C LEU A 235 -7.47 -2.49 -9.38
N TRP A 236 -6.64 -2.69 -10.40
CA TRP A 236 -6.68 -3.95 -11.14
C TRP A 236 -6.41 -5.14 -10.22
N GLU A 237 -5.44 -5.01 -9.30
CA GLU A 237 -5.18 -6.09 -8.36
C GLU A 237 -6.41 -6.42 -7.54
N ILE A 238 -7.15 -5.40 -7.10
CA ILE A 238 -8.25 -5.61 -6.19
C ILE A 238 -9.40 -6.34 -6.89
N PHE A 239 -9.69 -5.98 -8.13
CA PHE A 239 -10.81 -6.57 -8.85
C PHE A 239 -10.42 -7.76 -9.71
N SER A 240 -9.13 -8.09 -9.77
CA SER A 240 -8.70 -9.43 -10.14
C SER A 240 -8.63 -10.36 -8.94
N LEU A 241 -8.75 -9.81 -7.73
CA LEU A 241 -8.74 -10.59 -6.50
C LEU A 241 -7.39 -11.22 -6.23
N GLY A 242 -6.34 -10.41 -6.19
CA GLY A 242 -5.03 -10.88 -5.80
C GLY A 242 -4.14 -11.37 -6.92
N TYR A 243 -4.53 -11.18 -8.17
CA TYR A 243 -3.68 -11.60 -9.27
C TYR A 243 -2.47 -10.68 -9.41
N MET A 244 -1.51 -11.14 -10.19
CA MET A 244 -0.29 -10.39 -10.50
C MET A 244 -0.52 -9.52 -11.73
N PRO A 245 -0.16 -8.24 -11.70
CA PRO A 245 -0.30 -7.42 -12.91
C PRO A 245 0.43 -8.05 -14.09
N TYR A 246 -0.13 -7.84 -15.29
CA TYR A 246 0.41 -8.39 -16.53
C TYR A 246 0.81 -9.84 -16.29
N PRO A 247 -0.16 -10.72 -15.99
CA PRO A 247 0.17 -12.02 -15.38
C PRO A 247 1.25 -12.81 -16.10
N SER A 248 1.10 -13.05 -17.40
CA SER A 248 2.03 -13.89 -18.12
C SER A 248 3.29 -13.16 -18.57
N LYS A 249 3.38 -11.86 -18.35
CA LYS A 249 4.49 -11.07 -18.85
C LYS A 249 5.60 -10.96 -17.82
N SER A 250 6.77 -10.56 -18.31
CA SER A 250 7.93 -10.25 -17.47
C SER A 250 8.08 -8.74 -17.33
N ASN A 251 9.04 -8.34 -16.49
CA ASN A 251 9.26 -6.92 -16.26
C ASN A 251 9.58 -6.19 -17.56
N GLN A 252 10.58 -6.69 -18.30
CA GLN A 252 10.98 -6.01 -19.54
C GLN A 252 9.89 -6.09 -20.60
N GLU A 253 9.13 -7.19 -20.63
CA GLU A 253 8.02 -7.26 -21.57
C GLU A 253 6.94 -6.25 -21.23
N VAL A 254 6.70 -6.01 -19.94
CA VAL A 254 5.83 -4.93 -19.51
C VAL A 254 6.42 -3.59 -19.92
N LEU A 255 7.73 -3.44 -19.74
CA LEU A 255 8.39 -2.16 -20.02
C LEU A 255 8.22 -1.75 -21.48
N GLU A 256 8.24 -2.72 -22.39
CA GLU A 256 8.03 -2.44 -23.80
C GLU A 256 6.54 -2.39 -24.14
N PHE A 257 5.74 -3.22 -23.47
CA PHE A 257 4.30 -3.21 -23.68
C PHE A 257 3.70 -1.85 -23.34
N VAL A 258 4.10 -1.26 -22.22
CA VAL A 258 3.47 -0.04 -21.73
C VAL A 258 3.95 1.18 -22.52
N THR A 259 5.27 1.28 -22.74
CA THR A 259 5.79 2.41 -23.49
C THR A 259 5.19 2.48 -24.88
N SER A 260 4.79 1.34 -25.44
CA SER A 260 4.13 1.31 -26.75
C SER A 260 2.67 1.72 -26.68
N GLY A 261 2.12 1.93 -25.49
CA GLY A 261 0.71 2.22 -25.32
C GLY A 261 -0.14 1.04 -24.91
N GLY A 262 0.47 -0.11 -24.64
CA GLY A 262 -0.28 -1.28 -24.22
C GLY A 262 -0.73 -1.17 -22.77
N ARG A 263 -1.93 -1.69 -22.50
CA ARG A 263 -2.52 -1.63 -21.16
C ARG A 263 -3.20 -2.96 -20.86
N MET A 264 -3.36 -3.25 -19.57
CA MET A 264 -4.00 -4.48 -19.16
C MET A 264 -5.47 -4.49 -19.56
N ASP A 265 -6.01 -5.70 -19.67
CA ASP A 265 -7.43 -5.90 -19.92
C ASP A 265 -8.18 -5.84 -18.60
N PRO A 266 -9.51 -5.72 -18.65
CA PRO A 266 -10.28 -5.72 -17.42
C PRO A 266 -10.05 -7.01 -16.65
N PRO A 267 -10.06 -6.96 -15.32
CA PRO A 267 -10.15 -8.20 -14.54
C PRO A 267 -11.44 -8.93 -14.88
N LYS A 268 -11.48 -10.21 -14.54
CA LYS A 268 -12.69 -10.99 -14.76
C LYS A 268 -13.89 -10.31 -14.13
N ASN A 269 -14.94 -10.12 -14.93
CA ASN A 269 -16.22 -9.56 -14.50
C ASN A 269 -16.13 -8.11 -14.04
N CYS A 270 -15.02 -7.44 -14.28
CA CYS A 270 -14.86 -6.08 -13.75
C CYS A 270 -15.89 -5.15 -14.38
N PRO A 271 -16.67 -4.42 -13.58
CA PRO A 271 -17.63 -3.47 -14.18
C PRO A 271 -16.92 -2.37 -14.95
N GLY A 272 -17.57 -1.92 -16.02
CA GLY A 272 -17.04 -0.90 -16.88
C GLY A 272 -16.56 0.34 -16.14
N PRO A 273 -17.43 0.96 -15.35
CA PRO A 273 -17.05 2.20 -14.67
C PRO A 273 -15.82 2.06 -13.81
N VAL A 274 -15.55 0.87 -13.27
CA VAL A 274 -14.32 0.65 -12.52
C VAL A 274 -13.13 0.61 -13.47
N TYR A 275 -13.19 -0.24 -14.49
CA TYR A 275 -12.13 -0.29 -15.49
C TYR A 275 -11.85 1.09 -16.06
N ARG A 276 -12.90 1.87 -16.31
CA ARG A 276 -12.70 3.23 -16.82
C ARG A 276 -11.85 4.06 -15.89
N ILE A 277 -11.89 3.78 -14.58
CA ILE A 277 -10.99 4.45 -13.65
C ILE A 277 -9.57 3.97 -13.85
N MET A 278 -9.36 2.66 -14.03
CA MET A 278 -8.03 2.14 -14.28
C MET A 278 -7.41 2.76 -15.53
N THR A 279 -8.22 2.96 -16.57
CA THR A 279 -7.69 3.43 -17.83
C THR A 279 -7.34 4.91 -17.78
N GLN A 280 -8.08 5.70 -17.00
CA GLN A 280 -7.71 7.10 -16.81
C GLN A 280 -6.45 7.23 -15.95
N CYS A 281 -6.31 6.36 -14.95
CA CYS A 281 -5.09 6.34 -14.16
C CYS A 281 -3.87 6.01 -15.01
N TRP A 282 -4.07 5.29 -16.11
CA TRP A 282 -2.97 4.83 -16.95
C TRP A 282 -2.76 5.70 -18.19
N GLN A 283 -3.30 6.91 -18.22
CA GLN A 283 -3.00 7.80 -19.33
C GLN A 283 -1.49 7.93 -19.50
N HIS A 284 -1.04 7.97 -20.75
CA HIS A 284 0.40 7.96 -21.00
C HIS A 284 1.05 9.23 -20.47
N GLN A 285 0.44 10.39 -20.71
CA GLN A 285 1.01 11.64 -20.23
C GLN A 285 0.53 11.93 -18.82
N PRO A 286 1.42 12.33 -17.90
CA PRO A 286 0.98 12.51 -16.50
C PRO A 286 -0.10 13.56 -16.34
N GLU A 287 -0.07 14.64 -17.11
CA GLU A 287 -1.07 15.69 -16.95
C GLU A 287 -2.45 15.26 -17.42
N ASP A 288 -2.56 14.12 -18.09
CA ASP A 288 -3.86 13.59 -18.50
C ASP A 288 -4.45 12.61 -17.50
N ARG A 289 -3.79 12.41 -16.34
CA ARG A 289 -4.30 11.51 -15.32
C ARG A 289 -5.02 12.30 -14.23
N PRO A 290 -6.01 11.72 -13.58
CA PRO A 290 -6.71 12.44 -12.51
C PRO A 290 -5.88 12.46 -11.22
N ASN A 291 -6.16 13.46 -10.40
CA ASN A 291 -5.64 13.46 -9.04
C ASN A 291 -6.55 12.60 -8.16
N PHE A 292 -6.17 12.46 -6.89
CA PHE A 292 -6.89 11.52 -6.03
C PHE A 292 -8.22 12.07 -5.54
N ALA A 293 -8.41 13.39 -5.55
CA ALA A 293 -9.74 13.95 -5.31
C ALA A 293 -10.73 13.42 -6.35
N ILE A 294 -10.32 13.42 -7.63
CA ILE A 294 -11.19 12.95 -8.69
C ILE A 294 -11.42 11.45 -8.58
N ILE A 295 -10.34 10.68 -8.37
CA ILE A 295 -10.47 9.24 -8.27
C ILE A 295 -11.48 8.88 -7.17
N LEU A 296 -11.28 9.42 -5.98
CA LEU A 296 -12.22 9.20 -4.88
C LEU A 296 -13.66 9.47 -5.33
N GLU A 297 -13.92 10.68 -5.82
CA GLU A 297 -15.26 11.03 -6.26
C GLU A 297 -15.78 10.02 -7.26
N ARG A 298 -14.96 9.65 -8.25
CA ARG A 298 -15.38 8.67 -9.23
C ARG A 298 -15.64 7.31 -8.58
N ILE A 299 -14.82 6.94 -7.60
CA ILE A 299 -15.01 5.67 -6.90
C ILE A 299 -16.31 5.69 -6.12
N GLU A 300 -16.54 6.76 -5.34
CA GLU A 300 -17.79 6.86 -4.61
C GLU A 300 -18.98 6.77 -5.56
N TYR A 301 -18.85 7.35 -6.76
CA TYR A 301 -19.92 7.22 -7.75
C TYR A 301 -20.15 5.77 -8.13
N CYS A 302 -19.07 4.98 -8.18
CA CYS A 302 -19.23 3.56 -8.52
C CYS A 302 -19.93 2.79 -7.41
N THR A 303 -19.77 3.21 -6.15
CA THR A 303 -20.54 2.62 -5.07
C THR A 303 -22.02 2.97 -5.15
N GLN A 304 -22.39 3.94 -5.97
CA GLN A 304 -23.76 4.42 -6.09
C GLN A 304 -24.49 3.83 -7.29
N ASP A 305 -23.83 3.00 -8.09
CA ASP A 305 -24.46 2.39 -9.24
C ASP A 305 -24.89 0.98 -8.89
N PRO A 306 -26.18 0.65 -8.85
CA PRO A 306 -26.57 -0.75 -8.58
C PRO A 306 -25.97 -1.73 -9.56
N ASP A 307 -25.96 -1.40 -10.86
CA ASP A 307 -25.41 -2.31 -11.85
C ASP A 307 -23.94 -2.62 -11.59
N VAL A 308 -23.25 -1.79 -10.81
CA VAL A 308 -21.86 -2.07 -10.47
C VAL A 308 -21.77 -2.98 -9.26
N ILE A 309 -22.45 -2.60 -8.16
CA ILE A 309 -22.33 -3.34 -6.90
C ILE A 309 -23.18 -4.59 -6.85
N ASN A 310 -23.98 -4.86 -7.88
CA ASN A 310 -24.71 -6.11 -7.99
C ASN A 310 -24.07 -7.07 -8.99
N THR A 311 -22.95 -6.71 -9.59
CA THR A 311 -22.19 -7.63 -10.40
C THR A 311 -21.54 -8.69 -9.51
N ALA A 312 -21.62 -9.94 -9.95
CA ALA A 312 -21.12 -11.06 -9.18
C ALA A 312 -19.64 -11.29 -9.46
N LEU A 313 -18.91 -11.69 -8.44
CA LEU A 313 -17.49 -11.99 -8.61
C LEU A 313 -17.31 -13.33 -9.30
N PRO A 314 -16.22 -13.50 -10.04
CA PRO A 314 -15.94 -14.80 -10.66
C PRO A 314 -15.42 -15.80 -9.65
N ILE A 315 -15.57 -17.08 -10.00
CA ILE A 315 -15.13 -18.16 -9.12
C ILE A 315 -13.79 -18.70 -9.60
#